data_5CJB
#
_entry.id   5CJB
#
_cell.length_a   45.940
_cell.length_b   48.424
_cell.length_c   118.055
_cell.angle_alpha   90.00
_cell.angle_beta   90.00
_cell.angle_gamma   90.00
#
_symmetry.space_group_name_H-M   'P 21 21 21'
#
loop_
_entity.id
_entity.type
_entity.pdbx_description
1 polymer 'Osteoclast-associated immunoglobulin-like receptor'
2 polymer 'collagen-like peptide'
3 water water
#
loop_
_entity_poly.entity_id
_entity_poly.type
_entity_poly.pdbx_seq_one_letter_code
_entity_poly.pdbx_strand_id
1 'polypeptide(L)'
;PKPWLGAQPATVVTPGVNVTLRCRAPQPAWRFGLFKPGEIAPLLFRDVSSELAEFFLEEVTPAQGGIYRCCYRRPDWGPG
VWSQPSDVLELLVTEELPRPSLVALPGPVVGPGANVSLRCAGRLRNMSFVLYREGVAAPLQYRHSAQPWADFTLLGARAP
GTYSCYYHTPSAPYVLSQRSEVLVI
;
A
2 'polypeptide(L)' GP(HYP)GP(HYP)GP(HYP)GP(HYP)GPAGF(HYP)GP(HYP)GP(HYP)G B,C,D
#
# COMPACT_ATOMS: atom_id res chain seq x y z
N PRO A 1 24.86 9.18 -13.90
CA PRO A 1 24.29 9.44 -12.57
C PRO A 1 22.78 9.21 -12.58
N LYS A 2 22.32 8.05 -12.12
CA LYS A 2 20.91 7.73 -12.18
C LYS A 2 20.09 8.45 -11.11
N PRO A 3 18.99 9.09 -11.53
CA PRO A 3 18.05 9.76 -10.63
C PRO A 3 17.23 8.72 -9.86
N TRP A 4 16.44 9.17 -8.88
CA TRP A 4 15.57 8.28 -8.14
C TRP A 4 14.17 8.85 -8.05
N LEU A 5 13.17 7.97 -8.04
CA LEU A 5 11.77 8.38 -8.12
C LEU A 5 10.99 7.98 -6.88
N GLY A 6 10.15 8.90 -6.38
CA GLY A 6 9.36 8.64 -5.18
C GLY A 6 7.90 8.97 -5.38
N ALA A 7 7.04 8.27 -4.64
CA ALA A 7 5.61 8.54 -4.71
C ALA A 7 5.04 8.91 -3.35
N GLN A 8 4.32 10.02 -3.30
CA GLN A 8 3.61 10.44 -2.09
C GLN A 8 2.14 10.70 -2.43
N PRO A 9 1.22 10.35 -1.52
CA PRO A 9 1.43 9.75 -0.20
C PRO A 9 1.75 8.25 -0.23
N ALA A 10 1.46 7.57 -1.34
CA ALA A 10 1.65 6.12 -1.40
C ALA A 10 1.79 5.57 -2.82
N THR A 11 2.21 4.32 -2.92
CA THR A 11 2.39 3.64 -4.21
C THR A 11 1.06 2.96 -4.62
N VAL A 12 0.26 2.62 -3.62
CA VAL A 12 -1.08 2.06 -3.83
C VAL A 12 -2.12 2.99 -3.22
N VAL A 13 -3.01 3.52 -4.07
CA VAL A 13 -4.02 4.50 -3.64
C VAL A 13 -5.38 4.23 -4.29
N THR A 14 -6.43 4.83 -3.72
CA THR A 14 -7.77 4.77 -4.31
C THR A 14 -7.91 5.86 -5.38
N PRO A 15 -8.80 5.65 -6.36
CA PRO A 15 -9.08 6.70 -7.34
C PRO A 15 -9.63 7.94 -6.64
N GLY A 16 -9.16 9.14 -7.00
CA GLY A 16 -9.67 10.36 -6.41
C GLY A 16 -8.71 11.13 -5.52
N VAL A 17 -7.70 10.44 -5.00
CA VAL A 17 -6.69 11.10 -4.17
C VAL A 17 -5.60 11.72 -5.04
N ASN A 18 -4.80 12.60 -4.44
CA ASN A 18 -3.73 13.27 -5.17
C ASN A 18 -2.39 12.57 -4.92
N VAL A 19 -1.67 12.29 -6.00
CA VAL A 19 -0.34 11.66 -5.91
C VAL A 19 0.72 12.61 -6.45
N THR A 20 1.79 12.81 -5.67
CA THR A 20 2.92 13.62 -6.12
C THR A 20 4.13 12.72 -6.38
N LEU A 21 4.50 12.60 -7.65
CA LEU A 21 5.71 11.89 -8.02
C LEU A 21 6.89 12.86 -7.93
N ARG A 22 7.97 12.43 -7.31
CA ARG A 22 9.11 13.28 -7.05
C ARG A 22 10.36 12.66 -7.59
N CYS A 23 10.93 13.26 -8.63
CA CYS A 23 12.20 12.77 -9.17
C CYS A 23 13.35 13.68 -8.73
N ARG A 24 14.48 13.07 -8.39
CA ARG A 24 15.64 13.81 -7.90
C ARG A 24 16.93 13.34 -8.57
N ALA A 25 17.76 14.29 -9.00
CA ALA A 25 19.05 14.00 -9.58
C ALA A 25 20.17 14.50 -8.67
N PRO A 26 21.34 13.83 -8.70
CA PRO A 26 22.49 14.22 -7.87
C PRO A 26 22.90 15.69 -8.06
N GLN A 27 22.98 16.16 -9.30
CA GLN A 27 23.30 17.55 -9.60
C GLN A 27 22.15 18.20 -10.36
N PRO A 28 21.99 19.53 -10.24
CA PRO A 28 20.86 20.21 -10.90
C PRO A 28 20.76 19.90 -12.39
N ALA A 29 19.53 19.75 -12.89
CA ALA A 29 19.29 19.50 -14.30
C ALA A 29 18.25 20.49 -14.82
N TRP A 30 18.11 20.57 -16.13
CA TRP A 30 17.16 21.52 -16.74
C TRP A 30 15.76 20.93 -16.97
N ARG A 31 15.70 19.70 -17.47
CA ARG A 31 14.41 19.10 -17.81
C ARG A 31 14.28 17.69 -17.25
N PHE A 32 13.21 17.45 -16.53
CA PHE A 32 12.91 16.12 -16.00
C PHE A 32 11.78 15.46 -16.79
N GLY A 33 11.91 14.17 -17.06
CA GLY A 33 10.92 13.47 -17.84
C GLY A 33 10.25 12.32 -17.09
N LEU A 34 8.93 12.22 -17.25
CA LEU A 34 8.18 11.11 -16.68
C LEU A 34 7.76 10.18 -17.82
N PHE A 35 8.28 8.95 -17.80
CA PHE A 35 8.09 8.03 -18.92
C PHE A 35 7.25 6.81 -18.54
N LYS A 36 6.44 6.33 -19.48
CA LYS A 36 5.78 5.04 -19.38
C LYS A 36 6.59 4.04 -20.23
N PRO A 37 6.40 2.73 -20.03
CA PRO A 37 7.38 1.79 -20.58
C PRO A 37 7.47 1.74 -22.11
N GLY A 38 8.68 1.90 -22.64
CA GLY A 38 8.95 1.71 -24.05
C GLY A 38 8.75 2.94 -24.92
N GLU A 39 7.96 3.89 -24.43
CA GLU A 39 7.67 5.11 -25.18
C GLU A 39 8.84 6.10 -25.10
N ILE A 40 9.30 6.55 -26.27
CA ILE A 40 10.39 7.53 -26.36
C ILE A 40 9.95 8.89 -25.83
N ALA A 41 8.67 9.20 -26.00
CA ALA A 41 8.11 10.46 -25.51
C ALA A 41 7.77 10.37 -24.04
N PRO A 42 8.18 11.39 -23.26
CA PRO A 42 7.73 11.46 -21.87
C PRO A 42 6.27 11.85 -21.84
N LEU A 43 5.49 11.30 -20.92
CA LEU A 43 4.08 11.69 -20.79
C LEU A 43 4.05 13.09 -20.22
N LEU A 44 4.80 13.29 -19.14
CA LEU A 44 4.95 14.61 -18.53
C LEU A 44 6.42 15.00 -18.53
N PHE A 45 6.65 16.31 -18.54
CA PHE A 45 8.00 16.84 -18.40
C PHE A 45 7.94 18.18 -17.70
N ARG A 46 8.93 18.44 -16.85
CA ARG A 46 9.00 19.73 -16.16
C ARG A 46 10.34 20.40 -16.39
N ASP A 47 10.28 21.67 -16.76
CA ASP A 47 11.48 22.48 -16.86
C ASP A 47 11.75 23.18 -15.53
N VAL A 48 12.83 22.80 -14.86
CA VAL A 48 13.05 23.30 -13.50
C VAL A 48 14.41 23.87 -13.09
N SER A 49 15.51 23.50 -13.72
CA SER A 49 16.80 24.11 -13.42
C SER A 49 17.15 23.95 -11.95
N SER A 50 16.79 22.79 -11.47
CA SER A 50 16.90 22.26 -10.13
C SER A 50 17.37 20.81 -10.15
N GLU A 51 17.66 20.28 -8.96
CA GLU A 51 18.04 18.89 -8.77
C GLU A 51 16.78 18.07 -8.47
N LEU A 52 15.65 18.75 -8.36
CA LEU A 52 14.39 18.12 -7.98
C LEU A 52 13.24 18.58 -8.86
N ALA A 53 12.37 17.62 -9.21
CA ALA A 53 11.17 17.92 -9.99
C ALA A 53 9.98 17.16 -9.43
N GLU A 54 8.90 17.88 -9.17
CA GLU A 54 7.68 17.25 -8.66
C GLU A 54 6.60 17.16 -9.73
N PHE A 55 6.05 15.96 -9.90
CA PHE A 55 4.96 15.73 -10.83
C PHE A 55 3.66 15.51 -10.05
N PHE A 56 2.74 16.46 -10.18
CA PHE A 56 1.49 16.40 -9.43
C PHE A 56 0.35 15.80 -10.25
N LEU A 57 -0.14 14.65 -9.79
CA LEU A 57 -1.26 14.00 -10.42
C LEU A 57 -2.51 14.23 -9.57
N GLU A 58 -3.31 15.22 -9.97
CA GLU A 58 -4.53 15.56 -9.26
C GLU A 58 -5.63 14.56 -9.56
N GLU A 59 -6.27 14.06 -8.50
CA GLU A 59 -7.37 13.09 -8.64
C GLU A 59 -7.01 11.94 -9.56
N VAL A 60 -6.10 11.07 -9.12
CA VAL A 60 -5.65 9.96 -9.97
C VAL A 60 -6.78 9.03 -10.38
N THR A 61 -6.66 8.49 -11.59
CA THR A 61 -7.61 7.55 -12.15
C THR A 61 -6.81 6.29 -12.51
N PRO A 62 -7.49 5.15 -12.69
CA PRO A 62 -6.77 3.90 -13.02
C PRO A 62 -5.94 3.98 -14.31
N ALA A 63 -6.13 5.04 -15.09
CA ALA A 63 -5.28 5.30 -16.26
C ALA A 63 -3.90 5.82 -15.84
N GLN A 64 -3.87 6.63 -14.78
CA GLN A 64 -2.63 7.18 -14.24
C GLN A 64 -1.77 6.15 -13.50
N GLY A 65 -2.28 4.94 -13.36
CA GLY A 65 -1.50 3.85 -12.78
C GLY A 65 -0.53 3.27 -13.81
N GLY A 66 0.44 2.49 -13.36
CA GLY A 66 1.39 1.87 -14.26
C GLY A 66 2.83 2.02 -13.83
N ILE A 67 3.76 1.58 -14.69
CA ILE A 67 5.18 1.71 -14.42
C ILE A 67 5.69 3.07 -14.86
N TYR A 68 6.28 3.82 -13.93
CA TYR A 68 6.84 5.14 -14.25
C TYR A 68 8.37 5.13 -14.12
N ARG A 69 9.01 5.96 -14.93
CA ARG A 69 10.45 6.14 -14.85
C ARG A 69 10.81 7.60 -14.97
N CYS A 70 11.88 7.99 -14.30
CA CYS A 70 12.35 9.36 -14.35
C CYS A 70 13.66 9.45 -15.12
N CYS A 71 13.74 10.42 -16.02
CA CYS A 71 14.97 10.73 -16.75
C CYS A 71 15.10 12.24 -16.82
N TYR A 72 16.33 12.74 -16.85
CA TYR A 72 16.54 14.18 -17.00
C TYR A 72 17.34 14.51 -18.24
N ARG A 73 17.39 15.80 -18.58
CA ARG A 73 18.03 16.25 -19.80
C ARG A 73 18.64 17.63 -19.62
N ARG A 74 19.72 17.91 -20.35
CA ARG A 74 20.35 19.23 -20.34
C ARG A 74 20.20 19.86 -21.72
N PRO A 75 20.17 21.20 -21.79
CA PRO A 75 19.93 21.90 -23.06
C PRO A 75 20.95 21.57 -24.15
N ASP A 76 22.21 21.42 -23.75
CA ASP A 76 23.31 21.18 -24.69
C ASP A 76 23.42 19.71 -25.13
N TRP A 77 22.40 18.91 -24.82
CA TRP A 77 22.40 17.48 -25.17
C TRP A 77 21.71 17.25 -26.51
N GLY A 78 22.01 16.13 -27.14
CA GLY A 78 21.40 15.77 -28.41
C GLY A 78 19.90 15.60 -28.30
N PRO A 79 19.22 15.50 -29.45
CA PRO A 79 17.76 15.35 -29.51
C PRO A 79 17.33 13.94 -29.12
N GLY A 80 16.30 13.83 -28.28
CA GLY A 80 15.85 12.54 -27.80
C GLY A 80 16.90 11.83 -26.96
N VAL A 81 17.85 12.61 -26.44
CA VAL A 81 18.90 12.08 -25.57
C VAL A 81 18.59 12.38 -24.11
N TRP A 82 18.44 11.32 -23.30
CA TRP A 82 18.11 11.48 -21.90
C TRP A 82 19.12 10.78 -20.99
N SER A 83 19.11 11.13 -19.71
CA SER A 83 20.02 10.56 -18.73
C SER A 83 19.70 9.09 -18.46
N GLN A 84 20.45 8.48 -17.55
CA GLN A 84 20.12 7.16 -17.03
C GLN A 84 18.71 7.20 -16.46
N PRO A 85 17.93 6.12 -16.67
CA PRO A 85 16.60 6.06 -16.07
C PRO A 85 16.66 5.67 -14.60
N SER A 86 15.75 6.21 -13.79
CA SER A 86 15.64 5.82 -12.40
C SER A 86 15.12 4.39 -12.30
N ASP A 87 15.20 3.79 -11.11
CA ASP A 87 14.53 2.52 -10.86
C ASP A 87 13.03 2.75 -11.04
N VAL A 88 12.32 1.71 -11.45
CA VAL A 88 10.89 1.85 -11.75
C VAL A 88 10.06 2.25 -10.54
N LEU A 89 8.93 2.89 -10.81
CA LEU A 89 7.93 3.18 -9.78
C LEU A 89 6.61 2.65 -10.32
N GLU A 90 6.12 1.57 -9.70
CA GLU A 90 4.80 1.05 -10.06
C GLU A 90 3.73 1.71 -9.21
N LEU A 91 2.89 2.51 -9.84
CA LEU A 91 1.79 3.18 -9.16
C LEU A 91 0.49 2.42 -9.41
N LEU A 92 -0.14 1.96 -8.35
CA LEU A 92 -1.39 1.21 -8.48
C LEU A 92 -2.58 2.01 -7.98
N VAL A 93 -3.54 2.24 -8.87
CA VAL A 93 -4.76 2.97 -8.54
C VAL A 93 -5.94 2.02 -8.62
N THR A 94 -6.52 1.70 -7.46
CA THR A 94 -7.63 0.75 -7.40
C THR A 94 -8.52 1.00 -6.18
N GLU A 95 -9.80 0.67 -6.33
CA GLU A 95 -10.79 0.85 -5.27
C GLU A 95 -10.58 -0.16 -4.14
N GLU A 96 -9.90 -1.24 -4.47
CA GLU A 96 -9.85 -2.40 -3.64
C GLU A 96 -8.74 -3.36 -4.00
N LEU A 97 -8.12 -3.97 -3.00
CA LEU A 97 -7.03 -4.91 -3.25
C LEU A 97 -7.57 -6.31 -3.49
N PRO A 98 -6.89 -7.10 -4.33
CA PRO A 98 -7.34 -8.48 -4.64
C PRO A 98 -7.40 -9.37 -3.40
N ARG A 99 -8.42 -10.24 -3.36
CA ARG A 99 -8.71 -11.06 -2.19
C ARG A 99 -7.57 -12.01 -1.80
N PRO A 100 -7.19 -12.02 -0.52
CA PRO A 100 -6.12 -12.91 -0.07
C PRO A 100 -6.63 -14.33 0.18
N SER A 101 -5.73 -15.30 0.16
CA SER A 101 -6.08 -16.67 0.52
C SER A 101 -5.49 -16.99 1.88
N LEU A 102 -6.24 -17.70 2.71
CA LEU A 102 -5.75 -18.06 4.04
C LEU A 102 -5.61 -19.58 4.14
N VAL A 103 -4.38 -20.04 4.37
CA VAL A 103 -4.09 -21.47 4.46
C VAL A 103 -3.33 -21.81 5.74
N ALA A 104 -3.26 -23.11 6.05
CA ALA A 104 -2.44 -23.60 7.14
C ALA A 104 -1.17 -24.25 6.60
N LEU A 105 -0.02 -23.88 7.18
CA LEU A 105 1.23 -24.54 6.84
C LEU A 105 1.43 -25.77 7.70
N PRO A 106 1.75 -26.93 7.07
CA PRO A 106 2.05 -28.13 7.86
C PRO A 106 3.41 -28.03 8.53
N GLY A 107 3.59 -28.71 9.65
CA GLY A 107 4.85 -28.70 10.35
C GLY A 107 5.54 -30.05 10.32
N ALA A 114 -0.73 -29.69 18.17
CA ALA A 114 0.41 -28.83 18.46
C ALA A 114 0.17 -27.39 17.99
N ASN A 115 1.25 -26.61 17.90
CA ASN A 115 1.16 -25.22 17.44
C ASN A 115 0.81 -25.13 15.95
N VAL A 116 0.02 -24.13 15.60
CA VAL A 116 -0.49 -24.00 14.24
C VAL A 116 -0.07 -22.67 13.59
N SER A 117 0.37 -22.72 12.34
CA SER A 117 0.82 -21.53 11.62
C SER A 117 -0.03 -21.29 10.38
N LEU A 118 -0.54 -20.07 10.23
CA LEU A 118 -1.38 -19.72 9.10
C LEU A 118 -0.65 -18.72 8.21
N ARG A 119 -0.93 -18.77 6.91
CA ARG A 119 -0.36 -17.78 5.99
C ARG A 119 -1.44 -17.08 5.18
N CYS A 120 -1.64 -15.81 5.48
CA CYS A 120 -2.48 -14.96 4.65
C CYS A 120 -1.64 -14.51 3.46
N ALA A 121 -2.05 -14.90 2.26
CA ALA A 121 -1.28 -14.57 1.06
C ALA A 121 -2.07 -13.73 0.06
N GLY A 122 -1.48 -12.60 -0.33
CA GLY A 122 -2.02 -11.78 -1.41
C GLY A 122 -1.02 -11.76 -2.55
N ARG A 123 -1.16 -10.80 -3.47
CA ARG A 123 -0.20 -10.70 -4.56
C ARG A 123 0.55 -9.37 -4.57
N LEU A 124 0.30 -8.56 -3.56
CA LEU A 124 0.92 -7.23 -3.47
C LEU A 124 1.92 -7.14 -2.32
N ARG A 125 3.10 -6.61 -2.62
CA ARG A 125 4.17 -6.47 -1.64
C ARG A 125 3.87 -5.30 -0.70
N ASN A 126 4.63 -5.21 0.40
CA ASN A 126 4.55 -4.05 1.29
C ASN A 126 3.16 -3.81 1.88
N MET A 127 2.53 -4.85 2.40
CA MET A 127 1.18 -4.71 2.95
C MET A 127 1.11 -5.08 4.43
N SER A 128 0.06 -4.62 5.11
CA SER A 128 -0.21 -5.03 6.48
C SER A 128 -1.26 -6.15 6.48
N PHE A 129 -0.93 -7.28 7.10
CA PHE A 129 -1.84 -8.42 7.12
C PHE A 129 -2.51 -8.55 8.48
N VAL A 130 -3.79 -8.90 8.49
CA VAL A 130 -4.60 -8.88 9.71
C VAL A 130 -5.37 -10.18 9.87
N LEU A 131 -5.24 -10.83 11.03
CA LEU A 131 -5.95 -12.09 11.29
C LEU A 131 -7.16 -11.84 12.18
N TYR A 132 -8.33 -12.30 11.74
CA TYR A 132 -9.53 -12.21 12.56
C TYR A 132 -10.00 -13.59 13.05
N ARG A 133 -10.45 -13.63 14.29
CA ARG A 133 -11.03 -14.83 14.88
C ARG A 133 -12.55 -14.70 14.88
N GLU A 134 -13.22 -15.63 14.19
CA GLU A 134 -14.69 -15.65 14.17
C GLU A 134 -15.20 -15.88 15.60
N GLY A 135 -15.72 -14.82 16.20
CA GLY A 135 -16.13 -14.85 17.60
C GLY A 135 -15.59 -13.63 18.34
N VAL A 136 -14.45 -13.12 17.87
CA VAL A 136 -13.84 -11.92 18.44
C VAL A 136 -13.92 -10.76 17.44
N ALA A 137 -14.21 -9.55 17.94
CA ALA A 137 -14.35 -8.37 17.09
C ALA A 137 -13.01 -7.78 16.68
N ALA A 138 -12.24 -7.29 17.66
CA ALA A 138 -10.89 -6.80 17.41
C ALA A 138 -10.04 -7.90 16.81
N PRO A 139 -9.13 -7.54 15.90
CA PRO A 139 -8.31 -8.58 15.25
C PRO A 139 -7.41 -9.31 16.23
N LEU A 140 -7.04 -10.54 15.90
CA LEU A 140 -6.20 -11.38 16.77
C LEU A 140 -4.74 -10.95 16.67
N GLN A 141 -4.20 -10.99 15.45
CA GLN A 141 -2.82 -10.59 15.19
C GLN A 141 -2.77 -9.76 13.91
N TYR A 142 -1.84 -8.82 13.86
CA TYR A 142 -1.56 -8.12 12.60
C TYR A 142 -0.07 -7.82 12.44
N ARG A 143 0.40 -7.88 11.19
CA ARG A 143 1.81 -7.79 10.88
C ARG A 143 2.04 -7.08 9.55
N HIS A 144 3.01 -6.17 9.52
CA HIS A 144 3.41 -5.48 8.29
C HIS A 144 4.54 -6.27 7.63
N SER A 145 4.40 -6.57 6.34
CA SER A 145 5.43 -7.33 5.63
C SER A 145 5.79 -6.72 4.28
N ALA A 146 7.01 -6.97 3.84
CA ALA A 146 7.45 -6.54 2.51
C ALA A 146 7.04 -7.59 1.48
N GLN A 147 6.94 -8.84 1.95
CA GLN A 147 6.46 -9.93 1.12
C GLN A 147 4.94 -9.88 1.01
N PRO A 148 4.38 -10.46 -0.08
CA PRO A 148 2.93 -10.48 -0.28
C PRO A 148 2.23 -11.58 0.53
N TRP A 149 2.83 -11.96 1.65
CA TRP A 149 2.24 -12.91 2.59
C TRP A 149 2.74 -12.63 4.00
N ALA A 150 2.05 -13.18 4.99
CA ALA A 150 2.48 -13.07 6.39
C ALA A 150 2.08 -14.33 7.14
N ASP A 151 2.96 -14.80 8.03
CA ASP A 151 2.66 -15.98 8.82
C ASP A 151 2.21 -15.61 10.22
N PHE A 152 1.12 -16.23 10.68
CA PHE A 152 0.65 -16.07 12.05
C PHE A 152 0.79 -17.39 12.78
N THR A 153 1.28 -17.35 14.01
CA THR A 153 1.42 -18.54 14.83
C THR A 153 0.28 -18.61 15.85
N LEU A 154 -0.45 -19.73 15.85
CA LEU A 154 -1.50 -19.95 16.83
C LEU A 154 -1.04 -20.99 17.85
N LEU A 155 -1.29 -20.70 19.11
CA LEU A 155 -0.87 -21.55 20.21
C LEU A 155 -1.69 -22.82 20.39
N GLY A 156 -1.02 -23.95 20.30
CA GLY A 156 -1.61 -25.24 20.65
C GLY A 156 -3.12 -25.43 20.71
N ALA A 157 -3.68 -25.25 21.91
CA ALA A 157 -5.11 -25.52 22.14
C ALA A 157 -5.97 -24.26 22.04
N ARG A 158 -5.42 -23.20 21.45
CA ARG A 158 -6.19 -22.00 21.15
C ARG A 158 -6.33 -21.91 19.64
N ALA A 159 -5.74 -22.91 18.98
CA ALA A 159 -5.75 -23.03 17.53
C ALA A 159 -7.12 -23.38 16.90
N PRO A 160 -7.84 -24.38 17.45
CA PRO A 160 -9.12 -24.74 16.81
C PRO A 160 -10.13 -23.59 16.73
N GLY A 161 -10.68 -23.35 15.54
CA GLY A 161 -11.66 -22.31 15.33
C GLY A 161 -11.83 -21.91 13.89
N THR A 162 -12.47 -20.76 13.67
CA THR A 162 -12.72 -20.25 12.32
C THR A 162 -12.00 -18.91 12.13
N TYR A 163 -11.15 -18.84 11.11
CA TYR A 163 -10.31 -17.66 10.90
C TYR A 163 -10.41 -17.09 9.50
N SER A 164 -10.16 -15.79 9.38
CA SER A 164 -10.14 -15.11 8.09
C SER A 164 -9.15 -13.96 8.17
N CYS A 165 -8.70 -13.47 7.03
CA CYS A 165 -7.70 -12.41 7.00
C CYS A 165 -8.00 -11.43 5.89
N TYR A 166 -7.52 -10.21 6.04
CA TYR A 166 -7.52 -9.25 4.95
C TYR A 166 -6.22 -8.46 5.03
N TYR A 167 -5.84 -7.80 3.94
CA TYR A 167 -4.67 -6.94 3.99
C TYR A 167 -5.00 -5.53 3.51
N HIS A 168 -4.17 -4.56 3.90
CA HIS A 168 -4.42 -3.17 3.57
C HIS A 168 -3.10 -2.42 3.48
N THR A 169 -3.13 -1.23 2.88
CA THR A 169 -1.94 -0.38 2.83
C THR A 169 -1.57 0.07 4.25
N PRO A 170 -0.25 0.18 4.51
CA PRO A 170 0.29 0.51 5.85
C PRO A 170 -0.21 1.83 6.44
N SER A 171 -0.48 2.83 5.59
CA SER A 171 -0.95 4.14 6.05
C SER A 171 -2.01 4.75 5.12
N ALA A 172 -2.62 5.85 5.57
CA ALA A 172 -3.64 6.54 4.78
C ALA A 172 -3.01 7.27 3.59
N PRO A 173 -3.73 7.32 2.44
CA PRO A 173 -5.11 6.86 2.23
C PRO A 173 -5.21 5.35 2.03
N TYR A 174 -5.91 4.69 2.94
CA TYR A 174 -5.99 3.25 2.96
C TYR A 174 -6.67 2.64 1.73
N VAL A 175 -6.09 1.56 1.23
CA VAL A 175 -6.79 0.69 0.29
C VAL A 175 -6.92 -0.68 0.96
N LEU A 176 -8.13 -1.20 1.00
CA LEU A 176 -8.40 -2.44 1.72
C LEU A 176 -8.65 -3.58 0.73
N SER A 177 -8.32 -4.81 1.15
CA SER A 177 -8.71 -5.98 0.38
C SER A 177 -9.99 -6.56 0.99
N GLN A 178 -10.63 -7.48 0.26
CA GLN A 178 -11.75 -8.22 0.82
C GLN A 178 -11.23 -9.23 1.83
N ARG A 179 -12.13 -9.85 2.58
CA ARG A 179 -11.73 -10.89 3.50
C ARG A 179 -11.60 -12.21 2.81
N SER A 180 -10.63 -13.01 3.24
CA SER A 180 -10.41 -14.34 2.67
C SER A 180 -11.58 -15.24 3.03
N GLU A 181 -11.70 -16.37 2.33
CA GLU A 181 -12.64 -17.40 2.74
C GLU A 181 -12.24 -17.84 4.13
N VAL A 182 -13.21 -18.08 5.01
CA VAL A 182 -12.89 -18.52 6.37
C VAL A 182 -12.11 -19.83 6.33
N LEU A 183 -11.20 -20.01 7.28
CA LEU A 183 -10.43 -21.26 7.38
C LEU A 183 -10.84 -22.03 8.62
N VAL A 184 -11.17 -23.31 8.44
CA VAL A 184 -11.64 -24.15 9.54
C VAL A 184 -10.51 -25.01 10.15
N ILE A 185 -10.16 -24.73 11.40
CA ILE A 185 -9.25 -25.60 12.16
C ILE A 185 -10.03 -26.42 13.18
N GLY B 1 14.76 19.17 24.21
CA GLY B 1 14.67 18.96 22.77
C GLY B 1 13.25 19.09 22.25
N PRO B 2 13.09 18.98 20.92
CA PRO B 2 11.78 19.09 20.29
C PRO B 2 10.89 17.90 20.63
N GLY B 4 8.78 14.54 19.88
CA GLY B 4 9.00 13.44 18.95
C GLY B 4 8.09 13.47 17.74
N PRO B 5 8.38 12.61 16.74
CA PRO B 5 7.51 12.46 15.57
C PRO B 5 6.20 11.80 15.99
N GLY B 7 3.22 8.95 16.38
CA GLY B 7 3.22 7.50 16.49
C GLY B 7 2.75 6.80 15.23
N PRO B 8 2.84 5.46 15.21
CA PRO B 8 2.40 4.70 14.05
C PRO B 8 0.88 4.68 14.00
N GLY B 10 -2.99 3.54 14.23
CA GLY B 10 -3.69 2.69 15.18
C GLY B 10 -4.00 1.31 14.63
N PRO B 11 -4.45 0.40 15.51
CA PRO B 11 -4.76 -0.98 15.09
C PRO B 11 -5.96 -1.01 14.14
N GLY B 13 -9.61 -1.78 12.50
CA GLY B 13 -10.94 -1.89 13.08
C GLY B 13 -11.49 -3.29 13.08
N PRO B 14 -12.64 -3.49 13.75
CA PRO B 14 -13.30 -4.80 13.81
C PRO B 14 -13.84 -5.19 12.44
N ALA B 15 -13.92 -6.49 12.15
CA ALA B 15 -14.44 -6.94 10.86
C ALA B 15 -15.91 -6.56 10.68
N GLY B 16 -16.34 -6.34 9.44
CA GLY B 16 -17.73 -5.99 9.18
C GLY B 16 -18.67 -7.17 9.38
N PHE B 17 -19.88 -6.90 9.83
CA PHE B 17 -20.87 -7.95 10.04
C PHE B 17 -21.49 -8.42 8.73
N GLY B 19 -24.26 -9.34 6.05
CA GLY B 19 -25.50 -8.65 5.76
C GLY B 19 -26.75 -9.43 6.11
N PRO B 20 -27.92 -8.80 5.93
CA PRO B 20 -29.21 -9.46 6.15
C PRO B 20 -29.41 -10.57 5.13
N GLY B 22 -31.38 -12.56 2.00
CA GLY B 22 -31.86 -12.03 0.76
C GLY B 22 -33.37 -12.00 0.58
N PRO B 23 -33.83 -11.45 -0.55
CA PRO B 23 -35.24 -11.38 -0.94
C PRO B 23 -35.69 -12.64 -1.68
N GLY C 1 13.50 14.90 24.71
CA GLY C 1 12.38 15.83 24.63
C GLY C 1 11.07 15.15 24.93
N PRO C 2 9.95 15.90 24.78
CA PRO C 2 8.62 15.34 25.02
C PRO C 2 8.20 14.41 23.88
N GLY C 4 6.10 12.47 20.85
CA GLY C 4 5.26 12.95 19.75
C GLY C 4 3.78 12.82 20.01
N PRO C 5 2.97 13.53 19.21
CA PRO C 5 1.50 13.42 19.30
C PRO C 5 1.07 12.05 18.81
N GLY C 7 -0.48 8.77 16.88
CA GLY C 7 -0.49 8.45 15.46
C GLY C 7 -1.86 8.61 14.82
N PRO C 8 -1.92 8.50 13.49
CA PRO C 8 -3.18 8.57 12.74
C PRO C 8 -4.08 7.39 13.10
N GLY C 10 -6.37 3.98 12.83
CA GLY C 10 -6.14 2.76 12.06
C GLY C 10 -7.05 2.63 10.86
N PRO C 11 -6.78 1.64 10.01
CA PRO C 11 -7.63 1.39 8.84
C PRO C 11 -8.95 0.80 9.31
N GLY C 13 -11.97 -1.99 9.42
CA GLY C 13 -11.99 -3.43 9.24
C GLY C 13 -12.48 -3.80 7.86
N PRO C 14 -12.31 -5.07 7.48
CA PRO C 14 -12.76 -5.51 6.15
C PRO C 14 -14.28 -5.41 6.04
N ALA C 15 -14.80 -5.32 4.82
CA ALA C 15 -16.23 -5.20 4.61
C ALA C 15 -16.92 -6.52 4.96
N GLY C 16 -18.19 -6.45 5.35
CA GLY C 16 -18.92 -7.65 5.72
C GLY C 16 -19.22 -8.54 4.54
N PHE C 17 -19.23 -9.86 4.79
CA PHE C 17 -19.68 -10.82 3.79
C PHE C 17 -21.15 -10.55 3.47
N GLY C 19 -25.07 -11.43 3.07
CA GLY C 19 -25.90 -12.28 3.91
C GLY C 19 -26.34 -13.57 3.25
N PRO C 20 -26.98 -14.45 4.03
CA PRO C 20 -27.56 -15.71 3.53
C PRO C 20 -28.64 -15.45 2.47
N GLY C 22 -32.38 -15.99 0.24
CA GLY C 22 -33.79 -16.03 0.61
C GLY C 22 -34.55 -17.21 0.06
N GLY D 1 18.29 19.47 22.58
CA GLY D 1 18.73 18.08 22.48
C GLY D 1 18.10 17.36 21.31
N PRO D 2 18.18 16.02 21.29
CA PRO D 2 17.51 15.25 20.25
C PRO D 2 16.01 15.22 20.53
N GLY D 4 12.03 13.99 21.10
CA GLY D 4 11.47 12.97 21.98
C GLY D 4 11.08 11.67 21.30
N PRO D 5 10.56 10.72 22.08
CA PRO D 5 10.06 9.43 21.60
C PRO D 5 8.91 9.61 20.61
N GLY D 7 5.16 9.19 19.24
CA GLY D 7 3.92 9.18 20.01
C GLY D 7 3.31 7.81 20.14
N PRO D 8 2.22 7.70 20.92
CA PRO D 8 1.49 6.44 21.05
C PRO D 8 0.84 6.10 19.71
N GLY D 10 -2.16 5.50 17.10
CA GLY D 10 -3.44 6.16 17.04
C GLY D 10 -4.60 5.31 17.53
N PRO D 11 -5.82 5.87 17.49
CA PRO D 11 -7.00 5.09 17.87
C PRO D 11 -7.25 3.99 16.85
N GLY D 13 -9.03 1.64 14.05
CA GLY D 13 -9.89 2.00 12.93
C GLY D 13 -11.35 1.70 13.20
N PRO D 14 -12.26 2.30 12.42
CA PRO D 14 -13.69 2.03 12.57
C PRO D 14 -14.04 0.62 12.09
N ALA D 15 -15.24 0.15 12.41
CA ALA D 15 -15.67 -1.16 11.91
C ALA D 15 -15.95 -1.09 10.42
N GLY D 16 -15.65 -2.17 9.70
CA GLY D 16 -15.93 -2.21 8.27
C GLY D 16 -17.42 -2.18 8.01
N PHE D 17 -17.82 -1.90 6.77
CA PHE D 17 -19.23 -1.82 6.43
C PHE D 17 -19.93 -3.15 6.69
N GLY D 19 -22.13 -6.18 5.59
CA GLY D 19 -22.19 -6.77 4.26
C GLY D 19 -23.49 -6.53 3.52
N PRO D 20 -23.49 -6.78 2.20
CA PRO D 20 -24.70 -6.65 1.38
C PRO D 20 -25.70 -7.74 1.74
N GLY D 22 -28.21 -11.11 0.95
CA GLY D 22 -28.48 -12.31 0.15
C GLY D 22 -27.83 -12.60 -1.19
N PRO D 23 -28.63 -13.07 -2.16
CA PRO D 23 -28.29 -13.59 -3.49
C PRO D 23 -26.92 -13.16 -4.02
#